data_4RZG
#
_entry.id   4RZG
#
_cell.length_a   74.228
_cell.length_b   76.529
_cell.length_c   128.677
_cell.angle_alpha   90.000
_cell.angle_beta   90.000
_cell.angle_gamma   90.000
#
_symmetry.space_group_name_H-M   'P 21 21 21'
#
loop_
_entity.id
_entity.type
_entity.pdbx_description
1 polymer 'Nuclear receptor subfamily 4 group A member 1'
2 non-polymer GLYCEROL
3 non-polymer 'pentyl (3,5-dihydroxy-2-nonanoylphenyl)acetate'
4 water water
#
_entity_poly.entity_id   1
_entity_poly.type   'polypeptide(L)'
_entity_poly.pdbx_seq_one_letter_code
;SKPKQPPDASPANLLTSLVRAHLDSGPSTAKLDYSKFQELVLPHFGKEDAGDVQQFYDLLSGSLEVIRKWAEKIPGFAEL
SPADQDLLLESAFLELFILRLAYRSKPGEGKLIFCSGLVLHRLQCARGFGDWIDSILAFSRSLHSLLVDVPAFACLSALV
LITDRHGLQEPRRVEELQNRIASCLKEHVAAVAGEPQPASCLSRLLGKLPELRTLCTQGLQRIFYLKLEDLVPPPPIIDK
IFMDTLPFLEHHHHHH
;
_entity_poly.pdbx_strand_id   B,A
#
loop_
_chem_comp.id
_chem_comp.type
_chem_comp.name
_chem_comp.formula
GOL non-polymer GLYCEROL 'C3 H8 O3'
ZHN non-polymer 'pentyl (3,5-dihydroxy-2-nonanoylphenyl)acetate' 'C22 H34 O5'
#
# COMPACT_ATOMS: atom_id res chain seq x y z
N PRO A 11 37.57 0.45 -17.96
CA PRO A 11 37.03 1.56 -18.73
C PRO A 11 35.91 1.16 -19.74
N ALA A 12 36.15 0.28 -20.73
CA ALA A 12 37.41 -0.42 -20.93
C ALA A 12 37.41 -1.84 -20.35
N ASN A 13 38.36 -2.09 -19.45
CA ASN A 13 38.41 -3.26 -18.63
C ASN A 13 37.37 -3.19 -17.52
N LEU A 14 37.06 -1.98 -17.07
CA LEU A 14 35.93 -1.76 -16.20
C LEU A 14 34.71 -2.42 -16.80
N LEU A 15 34.29 -1.94 -17.97
CA LEU A 15 33.12 -2.49 -18.67
C LEU A 15 33.16 -4.02 -18.66
N THR A 16 34.31 -4.55 -19.07
CA THR A 16 34.54 -5.97 -19.07
C THR A 16 34.34 -6.58 -17.70
N SER A 17 34.74 -5.90 -16.61
CA SER A 17 34.53 -6.49 -15.27
C SER A 17 33.08 -6.46 -14.90
N LEU A 18 32.36 -5.47 -15.40
CA LEU A 18 30.94 -5.33 -15.11
C LEU A 18 30.19 -6.43 -15.80
N VAL A 19 30.58 -6.72 -17.04
CA VAL A 19 29.90 -7.72 -17.84
C VAL A 19 30.14 -9.09 -17.27
N ARG A 20 31.32 -9.25 -16.71
CA ARG A 20 31.72 -10.53 -16.20
C ARG A 20 30.96 -10.75 -14.91
N ALA A 21 30.85 -9.71 -14.09
CA ALA A 21 30.08 -9.81 -12.84
C ALA A 21 28.62 -10.15 -13.13
N HIS A 22 28.02 -9.40 -14.05
CA HIS A 22 26.64 -9.63 -14.46
C HIS A 22 26.34 -11.06 -14.92
N LEU A 23 27.04 -11.51 -15.94
CA LEU A 23 26.81 -12.84 -16.47
C LEU A 23 26.97 -13.93 -15.43
N ASP A 24 27.94 -13.77 -14.54
CA ASP A 24 28.19 -14.79 -13.51
C ASP A 24 27.14 -14.80 -12.42
N SER A 25 26.30 -13.77 -12.38
CA SER A 25 25.32 -13.62 -11.29
C SER A 25 23.95 -14.24 -11.63
N GLY A 26 23.81 -14.80 -12.81
CA GLY A 26 22.54 -15.39 -13.25
C GLY A 26 22.76 -16.73 -13.90
N PRO A 27 21.68 -17.48 -14.16
CA PRO A 27 21.78 -18.82 -14.70
C PRO A 27 22.08 -18.80 -16.17
N SER A 28 22.66 -19.90 -16.62
CA SER A 28 22.93 -20.04 -18.03
C SER A 28 21.64 -20.48 -18.67
N THR A 29 21.38 -19.96 -19.87
CA THR A 29 20.36 -20.50 -20.73
C THR A 29 20.19 -22.02 -20.62
N ALA A 30 21.23 -22.74 -20.19
CA ALA A 30 21.15 -24.19 -20.11
C ALA A 30 20.95 -24.73 -18.69
N LYS A 31 21.10 -23.92 -17.65
CA LYS A 31 20.81 -24.33 -16.29
C LYS A 31 19.43 -23.77 -15.83
N LEU A 32 18.58 -23.57 -16.83
CA LEU A 32 17.24 -23.05 -16.64
C LEU A 32 16.31 -24.16 -16.25
N ASP A 33 15.38 -23.88 -15.33
CA ASP A 33 14.50 -24.88 -14.70
C ASP A 33 12.98 -24.74 -14.97
N TYR A 34 12.46 -25.58 -15.85
CA TYR A 34 11.06 -25.58 -16.19
C TYR A 34 10.25 -26.64 -15.48
N SER A 35 10.86 -27.38 -14.54
CA SER A 35 10.16 -28.46 -13.76
C SER A 35 8.90 -27.99 -13.01
N LYS A 36 8.82 -26.70 -12.69
CA LYS A 36 7.72 -26.22 -11.87
C LYS A 36 6.81 -25.33 -12.68
N PHE A 37 7.20 -25.10 -13.92
CA PHE A 37 6.46 -24.22 -14.77
C PHE A 37 5.15 -24.87 -15.20
N GLN A 38 4.06 -24.16 -14.97
CA GLN A 38 2.73 -24.52 -15.46
C GLN A 38 2.02 -23.25 -15.86
N GLU A 39 1.68 -23.12 -17.13
CA GLU A 39 1.01 -21.90 -17.61
C GLU A 39 -0.51 -21.91 -17.36
N LEU A 40 -1.04 -23.06 -16.97
CA LEU A 40 -2.47 -23.26 -16.78
C LEU A 40 -2.64 -23.44 -15.30
N VAL A 41 -3.28 -22.49 -14.66
CA VAL A 41 -3.45 -22.56 -13.20
C VAL A 41 -4.93 -22.46 -12.83
N LEU A 42 -5.56 -23.60 -12.56
CA LEU A 42 -6.97 -23.62 -12.17
C LEU A 42 -7.10 -23.96 -10.68
N PRO A 43 -7.82 -23.09 -9.90
CA PRO A 43 -8.52 -21.91 -10.44
C PRO A 43 -7.58 -20.70 -10.59
N PHE A 45 -7.27 -19.14 -8.03
CA PHE A 45 -8.02 -18.19 -7.19
C PHE A 45 -8.86 -18.95 -6.14
N GLY A 46 -9.54 -18.23 -5.23
CA GLY A 46 -9.72 -16.77 -5.29
C GLY A 46 -8.66 -15.87 -4.66
N LYS A 47 -8.75 -15.70 -3.34
CA LYS A 47 -7.81 -14.85 -2.56
C LYS A 47 -6.38 -15.41 -2.60
N GLU A 48 -5.64 -15.29 -1.49
CA GLU A 48 -4.25 -15.77 -1.47
C GLU A 48 -3.94 -16.66 -0.29
N ASP A 49 -3.49 -17.88 -0.57
CA ASP A 49 -3.13 -18.81 0.49
C ASP A 49 -1.69 -18.52 0.93
N ALA A 50 -1.20 -19.36 1.82
CA ALA A 50 0.09 -19.15 2.49
C ALA A 50 1.29 -19.72 1.74
N GLY A 51 1.03 -20.65 0.84
CA GLY A 51 2.09 -21.26 0.04
C GLY A 51 2.51 -20.26 -1.02
N ASP A 52 1.56 -19.45 -1.46
CA ASP A 52 1.84 -18.33 -2.37
C ASP A 52 2.72 -17.28 -1.71
N VAL A 53 2.38 -16.93 -0.49
CA VAL A 53 3.13 -15.92 0.23
C VAL A 53 4.56 -16.38 0.55
N GLN A 54 4.75 -17.63 0.92
CA GLN A 54 6.10 -18.13 1.21
C GLN A 54 6.98 -18.16 -0.05
N GLN A 55 6.43 -18.61 -1.17
CA GLN A 55 7.16 -18.64 -2.45
C GLN A 55 7.61 -17.26 -2.86
N PHE A 56 6.72 -16.29 -2.74
CA PHE A 56 7.09 -14.91 -2.98
C PHE A 56 8.27 -14.46 -2.09
N TYR A 57 8.18 -14.69 -0.79
CA TYR A 57 9.27 -14.33 0.09
C TYR A 57 10.51 -15.13 -0.28
N ASP A 58 10.35 -16.42 -0.58
CA ASP A 58 11.53 -17.24 -0.89
C ASP A 58 12.26 -16.73 -2.13
N LEU A 59 11.49 -16.29 -3.13
CA LEU A 59 12.08 -15.78 -4.37
C LEU A 59 12.89 -14.51 -4.17
N LEU A 60 12.37 -13.62 -3.32
CA LEU A 60 13.07 -12.43 -2.91
C LEU A 60 14.36 -12.84 -2.22
N SER A 61 14.26 -13.73 -1.23
CA SER A 61 15.41 -14.13 -0.45
C SER A 61 16.55 -14.63 -1.34
N GLY A 62 16.18 -15.44 -2.31
CA GLY A 62 17.18 -16.10 -3.13
C GLY A 62 17.98 -15.16 -3.98
N SER A 63 17.39 -14.02 -4.35
CA SER A 63 18.15 -13.01 -5.09
C SER A 63 19.14 -12.23 -4.21
N LEU A 64 18.95 -12.31 -2.91
CA LEU A 64 19.65 -11.47 -1.98
C LEU A 64 21.11 -11.78 -1.87
N GLU A 65 21.40 -13.06 -1.72
CA GLU A 65 22.77 -13.50 -1.64
C GLU A 65 23.52 -13.34 -2.96
N VAL A 66 22.80 -13.46 -4.07
CA VAL A 66 23.37 -13.35 -5.42
C VAL A 66 23.74 -11.93 -5.75
N ILE A 67 22.90 -11.00 -5.33
CA ILE A 67 23.12 -9.61 -5.63
C ILE A 67 24.31 -9.15 -4.83
N ARG A 68 24.42 -9.62 -3.60
CA ARG A 68 25.60 -9.29 -2.82
C ARG A 68 26.96 -9.77 -3.45
N LYS A 69 26.99 -10.98 -4.00
CA LYS A 69 28.22 -11.48 -4.63
C LYS A 69 28.46 -10.74 -5.90
N TRP A 70 27.38 -10.34 -6.57
CA TRP A 70 27.51 -9.55 -7.80
C TRP A 70 28.12 -8.18 -7.48
N ALA A 71 27.63 -7.55 -6.45
CA ALA A 71 28.15 -6.24 -6.09
C ALA A 71 29.61 -6.30 -5.71
N GLU A 72 30.01 -7.39 -5.04
CA GLU A 72 31.39 -7.55 -4.61
C GLU A 72 32.39 -7.60 -5.76
N LYS A 73 31.91 -7.85 -6.97
CA LYS A 73 32.76 -7.94 -8.16
C LYS A 73 32.71 -6.70 -8.99
N ILE A 74 32.06 -5.67 -8.46
CA ILE A 74 32.11 -4.37 -9.12
C ILE A 74 33.37 -3.69 -8.61
N PRO A 75 34.30 -3.39 -9.51
CA PRO A 75 35.54 -2.73 -9.07
C PRO A 75 35.29 -1.38 -8.39
N GLY A 76 35.86 -1.25 -7.20
CA GLY A 76 35.63 -0.11 -6.36
C GLY A 76 34.60 -0.34 -5.27
N PHE A 77 33.66 -1.27 -5.49
CA PHE A 77 32.58 -1.37 -4.53
C PHE A 77 33.12 -1.88 -3.21
N ALA A 78 34.06 -2.78 -3.26
CA ALA A 78 34.57 -3.36 -2.03
C ALA A 78 35.47 -2.36 -1.35
N GLU A 79 35.85 -1.33 -2.08
CA GLU A 79 36.66 -0.25 -1.51
C GLU A 79 35.89 0.94 -0.91
N LEU A 80 34.57 0.87 -0.92
CA LEU A 80 33.71 1.73 -0.10
C LEU A 80 33.63 1.21 1.29
N SER A 81 33.13 2.04 2.19
CA SER A 81 33.07 1.60 3.57
C SER A 81 32.10 0.44 3.68
N PRO A 82 32.39 -0.53 4.53
CA PRO A 82 31.39 -1.56 4.83
C PRO A 82 29.99 -1.00 5.14
N ALA A 83 29.92 0.06 5.94
CA ALA A 83 28.59 0.63 6.28
C ALA A 83 27.84 1.12 5.03
N ASP A 84 28.61 1.72 4.14
CA ASP A 84 28.05 2.22 2.91
C ASP A 84 27.73 1.10 1.93
N GLN A 85 28.53 0.06 1.96
CA GLN A 85 28.23 -1.13 1.19
C GLN A 85 26.86 -1.67 1.57
N ASP A 86 26.63 -1.81 2.87
CA ASP A 86 25.38 -2.42 3.33
C ASP A 86 24.19 -1.53 2.99
N LEU A 87 24.41 -0.23 3.14
CA LEU A 87 23.38 0.73 2.88
C LEU A 87 22.99 0.71 1.40
N LEU A 88 23.97 0.69 0.49
CA LEU A 88 23.65 0.73 -0.93
C LEU A 88 22.92 -0.52 -1.33
N LEU A 89 23.36 -1.68 -0.82
CA LEU A 89 22.74 -2.99 -1.16
C LEU A 89 21.31 -3.04 -0.68
N GLU A 90 21.14 -2.71 0.57
CA GLU A 90 19.80 -2.72 1.19
C GLU A 90 18.83 -1.72 0.48
N SER A 91 19.35 -0.56 0.13
CA SER A 91 18.54 0.45 -0.49
C SER A 91 18.22 0.12 -1.96
N ALA A 92 19.02 -0.70 -2.62
CA ALA A 92 18.76 -1.03 -4.03
C ALA A 92 18.20 -2.42 -4.22
N PHE A 93 18.20 -3.23 -3.17
CA PHE A 93 17.79 -4.63 -3.34
C PHE A 93 16.56 -4.80 -4.20
N LEU A 94 15.53 -4.11 -3.82
CA LEU A 94 14.28 -4.21 -4.51
C LEU A 94 14.41 -3.76 -5.93
N GLU A 95 14.98 -2.58 -6.15
CA GLU A 95 15.13 -2.07 -7.51
C GLU A 95 15.89 -3.08 -8.38
N LEU A 96 16.91 -3.68 -7.77
CA LEU A 96 17.80 -4.59 -8.54
C LEU A 96 17.09 -5.87 -8.80
N PHE A 97 16.33 -6.30 -7.82
CA PHE A 97 15.63 -7.52 -8.00
C PHE A 97 14.72 -7.39 -9.22
N ILE A 98 14.08 -6.25 -9.33
CA ILE A 98 13.09 -6.02 -10.35
C ILE A 98 13.79 -5.86 -11.66
N LEU A 99 14.87 -5.12 -11.67
CA LEU A 99 15.53 -4.83 -12.95
C LEU A 99 16.08 -6.10 -13.53
N ARG A 100 16.71 -6.91 -12.71
CA ARG A 100 17.30 -8.14 -13.18
C ARG A 100 16.21 -9.09 -13.61
N LEU A 101 15.14 -9.15 -12.84
CA LEU A 101 13.97 -9.95 -13.26
C LEU A 101 13.40 -9.52 -14.61
N ALA A 102 13.16 -8.22 -14.74
CA ALA A 102 12.52 -7.66 -15.91
C ALA A 102 13.38 -7.95 -17.14
N TYR A 103 14.69 -7.87 -16.95
CA TYR A 103 15.60 -8.11 -18.07
C TYR A 103 15.67 -9.58 -18.44
N ARG A 104 15.67 -10.43 -17.42
CA ARG A 104 15.88 -11.86 -17.55
C ARG A 104 14.63 -12.51 -18.11
N SER A 105 13.49 -11.97 -17.75
CA SER A 105 12.25 -12.58 -18.09
C SER A 105 11.81 -12.34 -19.53
N LYS A 106 10.72 -13.01 -19.91
CA LYS A 106 10.16 -12.97 -21.28
C LYS A 106 8.68 -12.62 -21.23
N PRO A 107 8.36 -11.33 -21.20
CA PRO A 107 6.99 -10.89 -21.00
C PRO A 107 6.03 -11.17 -22.15
N GLY A 108 6.52 -11.28 -23.39
CA GLY A 108 5.62 -11.72 -24.49
C GLY A 108 4.94 -13.06 -24.18
N GLU A 109 5.63 -13.94 -23.46
CA GLU A 109 5.13 -15.26 -23.17
C GLU A 109 4.63 -15.42 -21.77
N GLY A 110 4.67 -14.35 -20.97
CA GLY A 110 4.26 -14.46 -19.57
C GLY A 110 5.29 -15.14 -18.68
N LYS A 111 6.55 -15.24 -19.15
CA LYS A 111 7.57 -15.99 -18.42
C LYS A 111 8.45 -15.16 -17.52
N LEU A 112 8.34 -15.42 -16.22
CA LEU A 112 9.26 -14.88 -15.21
C LEU A 112 10.42 -15.84 -15.06
N ILE A 113 11.63 -15.35 -15.21
CA ILE A 113 12.82 -16.19 -14.99
C ILE A 113 13.61 -15.64 -13.80
N PHE A 114 13.74 -16.40 -12.73
CA PHE A 114 14.46 -15.89 -11.54
C PHE A 114 15.96 -16.26 -11.57
N CYS A 115 16.75 -15.67 -10.68
CA CYS A 115 18.20 -15.76 -10.81
C CYS A 115 18.70 -17.18 -10.62
N SER A 116 17.98 -17.97 -9.83
CA SER A 116 18.27 -19.41 -9.71
C SER A 116 18.07 -20.22 -10.98
N GLY A 117 17.37 -19.69 -11.98
CA GLY A 117 17.03 -20.46 -13.18
C GLY A 117 15.57 -20.88 -13.17
N LEU A 118 14.96 -20.87 -11.99
CA LEU A 118 13.53 -21.19 -11.87
C LEU A 118 12.73 -20.32 -12.86
N VAL A 119 11.95 -21.00 -13.71
CA VAL A 119 11.02 -20.31 -14.62
C VAL A 119 9.59 -20.54 -14.15
N LEU A 120 8.83 -19.47 -14.15
CA LEU A 120 7.45 -19.51 -13.63
C LEU A 120 6.56 -18.64 -14.51
N HIS A 121 5.27 -18.98 -14.57
CA HIS A 121 4.35 -18.24 -15.39
C HIS A 121 3.71 -17.14 -14.56
N ARG A 122 3.36 -16.05 -15.23
CA ARG A 122 2.84 -14.88 -14.55
C ARG A 122 1.65 -15.18 -13.65
N LEU A 123 0.86 -16.16 -14.04
CA LEU A 123 -0.29 -16.62 -13.25
C LEU A 123 0.09 -17.48 -12.07
N GLN A 124 1.29 -18.01 -12.05
CA GLN A 124 1.74 -18.73 -10.87
C GLN A 124 2.33 -17.77 -9.87
N CYS A 125 2.60 -16.54 -10.31
CA CYS A 125 3.15 -15.52 -9.46
C CYS A 125 2.09 -14.53 -9.02
N ALA A 126 0.94 -14.52 -9.68
CA ALA A 126 -0.12 -13.52 -9.35
C ALA A 126 -0.53 -13.47 -7.88
N ARG A 127 -0.87 -14.62 -7.31
CA ARG A 127 -1.34 -14.68 -5.94
C ARG A 127 -0.34 -14.05 -4.98
N GLY A 128 0.90 -14.49 -4.99
CA GLY A 128 1.88 -13.86 -4.11
C GLY A 128 2.21 -12.38 -4.38
N PHE A 129 2.43 -12.04 -5.64
CA PHE A 129 2.96 -10.72 -5.99
C PHE A 129 1.90 -9.67 -6.14
N GLY A 130 0.67 -10.11 -6.41
CA GLY A 130 -0.44 -9.21 -6.78
C GLY A 130 -0.15 -8.40 -8.01
N ASP A 131 -0.85 -7.30 -8.18
CA ASP A 131 -0.63 -6.37 -9.33
C ASP A 131 0.85 -6.14 -9.69
N TRP A 132 1.70 -6.17 -8.67
CA TRP A 132 3.08 -5.80 -8.82
C TRP A 132 3.73 -6.57 -9.99
N ILE A 133 3.39 -7.84 -10.14
CA ILE A 133 3.97 -8.64 -11.21
C ILE A 133 3.56 -8.10 -12.60
N ASP A 134 2.33 -7.61 -12.72
CA ASP A 134 1.93 -7.06 -14.01
C ASP A 134 2.73 -5.81 -14.28
N SER A 135 2.91 -5.01 -13.24
CA SER A 135 3.69 -3.78 -13.35
C SER A 135 5.13 -4.08 -13.73
N ILE A 136 5.68 -5.12 -13.13
CA ILE A 136 7.01 -5.52 -13.49
C ILE A 136 7.06 -5.96 -14.95
N LEU A 137 6.04 -6.70 -15.37
CA LEU A 137 6.02 -7.23 -16.72
C LEU A 137 5.87 -6.12 -17.71
N ALA A 138 5.05 -5.14 -17.38
CA ALA A 138 4.97 -3.97 -18.23
C ALA A 138 6.32 -3.30 -18.41
N PHE A 139 7.01 -3.11 -17.28
CA PHE A 139 8.38 -2.61 -17.28
C PHE A 139 9.32 -3.48 -18.10
N SER A 140 9.17 -4.81 -17.97
CA SER A 140 10.00 -5.76 -18.67
C SER A 140 9.82 -5.56 -20.15
N ARG A 141 8.57 -5.54 -20.60
CA ARG A 141 8.25 -5.33 -22.01
C ARG A 141 8.85 -4.01 -22.50
N SER A 142 8.71 -2.98 -21.70
CA SER A 142 9.26 -1.70 -22.08
C SER A 142 10.81 -1.67 -22.09
N LEU A 143 11.43 -2.39 -21.17
CA LEU A 143 12.88 -2.49 -21.12
C LEU A 143 13.38 -3.27 -22.32
N HIS A 144 12.65 -4.30 -22.72
CA HIS A 144 12.98 -5.07 -23.90
C HIS A 144 12.86 -4.27 -25.20
N SER A 145 11.91 -3.35 -25.31
CA SER A 145 11.79 -2.57 -26.57
C SER A 145 13.00 -1.68 -26.79
N LEU A 146 13.70 -1.33 -25.72
CA LEU A 146 14.93 -0.56 -25.84
C LEU A 146 16.11 -1.37 -26.34
N LEU A 147 16.03 -2.69 -26.29
CA LEU A 147 17.08 -3.52 -26.87
C LEU A 147 18.39 -3.11 -26.25
N VAL A 148 18.44 -3.28 -24.93
CA VAL A 148 19.59 -2.90 -24.16
C VAL A 148 20.54 -4.07 -24.17
N ASP A 149 21.72 -3.87 -24.77
CA ASP A 149 22.71 -4.94 -24.90
C ASP A 149 23.33 -5.23 -23.52
N VAL A 150 24.06 -6.33 -23.42
CA VAL A 150 24.52 -6.75 -22.11
C VAL A 150 25.50 -5.76 -21.47
N PRO A 151 26.42 -5.18 -22.23
CA PRO A 151 27.28 -4.24 -21.49
C PRO A 151 26.52 -2.99 -21.02
N ALA A 152 25.61 -2.49 -21.85
CA ALA A 152 24.80 -1.34 -21.45
C ALA A 152 24.03 -1.69 -20.20
N PHE A 153 23.52 -2.91 -20.14
CA PHE A 153 22.76 -3.31 -18.99
C PHE A 153 23.65 -3.58 -17.77
N ALA A 154 24.84 -4.11 -18.02
CA ALA A 154 25.77 -4.45 -16.95
C ALA A 154 26.17 -3.18 -16.24
N CYS A 155 26.20 -2.07 -16.98
CA CYS A 155 26.42 -0.76 -16.39
C CYS A 155 25.19 -0.19 -15.66
N LEU A 156 24.05 -0.21 -16.35
CA LEU A 156 22.79 0.30 -15.80
C LEU A 156 22.56 -0.29 -14.42
N SER A 157 22.69 -1.62 -14.28
CA SER A 157 22.42 -2.26 -13.00
C SER A 157 23.37 -1.78 -11.93
N ALA A 158 24.62 -1.67 -12.24
CA ALA A 158 25.55 -1.13 -11.25
C ALA A 158 25.21 0.28 -10.81
N LEU A 159 24.65 1.05 -11.72
CA LEU A 159 24.32 2.43 -11.39
C LEU A 159 23.12 2.56 -10.46
N VAL A 160 22.30 1.54 -10.46
CA VAL A 160 21.16 1.46 -9.55
C VAL A 160 21.69 1.24 -8.10
N LEU A 161 22.77 0.52 -8.01
CA LEU A 161 23.33 0.18 -6.72
C LEU A 161 24.16 1.36 -6.23
N ILE A 162 25.06 1.83 -7.10
CA ILE A 162 26.04 2.84 -6.76
C ILE A 162 25.42 4.22 -7.06
N THR A 163 24.76 4.77 -6.03
CA THR A 163 23.95 5.97 -6.20
C THR A 163 23.79 6.68 -4.86
N ASP A 164 23.46 7.95 -4.88
CA ASP A 164 23.33 8.65 -3.59
C ASP A 164 22.22 8.03 -2.75
N ARG A 165 22.50 7.80 -1.48
CA ARG A 165 21.47 7.51 -0.50
C ARG A 165 21.79 8.32 0.72
N HIS A 166 20.73 8.66 1.46
CA HIS A 166 20.83 9.29 2.75
C HIS A 166 21.51 8.36 3.71
N GLY A 167 22.44 8.91 4.50
CA GLY A 167 23.19 8.17 5.53
C GLY A 167 24.56 7.70 5.08
N LEU A 168 24.92 7.81 3.81
CA LEU A 168 26.29 7.42 3.37
C LEU A 168 27.34 8.20 4.10
N GLN A 169 28.44 7.53 4.40
CA GLN A 169 29.57 8.16 5.06
C GLN A 169 30.42 8.90 4.06
N GLU A 170 30.59 8.32 2.89
CA GLU A 170 31.47 8.93 1.92
C GLU A 170 30.75 9.11 0.59
N PRO A 171 29.78 10.03 0.58
CA PRO A 171 28.97 10.18 -0.63
C PRO A 171 29.77 10.64 -1.81
N ARG A 172 30.89 11.32 -1.56
CA ARG A 172 31.67 11.79 -2.68
C ARG A 172 32.25 10.61 -3.39
N ARG A 173 32.67 9.60 -2.64
CA ARG A 173 33.34 8.44 -3.25
C ARG A 173 32.38 7.58 -4.00
N VAL A 174 31.17 7.52 -3.48
CA VAL A 174 30.08 6.85 -4.17
C VAL A 174 29.82 7.56 -5.49
N GLU A 175 29.77 8.89 -5.45
CA GLU A 175 29.62 9.70 -6.62
C GLU A 175 30.75 9.47 -7.60
N GLU A 176 31.96 9.32 -7.08
CA GLU A 176 33.10 9.13 -7.95
C GLU A 176 32.90 7.85 -8.73
N LEU A 177 32.53 6.79 -8.02
CA LEU A 177 32.40 5.50 -8.65
C LEU A 177 31.21 5.50 -9.60
N GLN A 178 30.12 6.11 -9.16
CA GLN A 178 29.00 6.32 -10.02
C GLN A 178 29.46 6.98 -11.35
N ASN A 179 30.23 8.07 -11.28
CA ASN A 179 30.66 8.75 -12.51
C ASN A 179 31.52 7.86 -13.35
N ARG A 180 32.46 7.17 -12.72
CA ARG A 180 33.25 6.19 -13.46
C ARG A 180 32.37 5.27 -14.31
N ILE A 181 31.31 4.73 -13.69
CA ILE A 181 30.49 3.78 -14.35
C ILE A 181 29.63 4.45 -15.41
N ALA A 182 29.14 5.65 -15.08
CA ALA A 182 28.40 6.46 -16.05
C ALA A 182 29.21 6.66 -17.32
N SER A 183 30.46 7.07 -17.16
CA SER A 183 31.33 7.31 -18.31
C SER A 183 31.49 6.03 -19.12
N CYS A 184 31.79 4.93 -18.44
CA CYS A 184 31.91 3.62 -19.06
C CYS A 184 30.70 3.34 -19.93
N LEU A 185 29.52 3.66 -19.40
CA LEU A 185 28.29 3.40 -20.14
C LEU A 185 28.16 4.31 -21.35
N LYS A 186 28.23 5.60 -21.10
CA LYS A 186 28.22 6.64 -22.14
C LYS A 186 29.10 6.23 -23.33
N GLU A 187 30.31 5.81 -23.01
CA GLU A 187 31.33 5.45 -23.98
C GLU A 187 30.89 4.25 -24.79
N HIS A 188 30.41 3.23 -24.11
CA HIS A 188 29.95 2.02 -24.77
C HIS A 188 28.78 2.32 -25.71
N VAL A 189 27.84 3.14 -25.27
CA VAL A 189 26.67 3.43 -26.07
C VAL A 189 26.99 4.32 -27.27
N ALA A 190 28.11 5.02 -27.19
CA ALA A 190 28.61 5.81 -28.33
C ALA A 190 29.36 4.92 -29.31
N ALA A 191 30.19 4.00 -28.78
CA ALA A 191 30.96 3.04 -29.58
C ALA A 191 30.10 2.04 -30.37
N VAL A 192 28.85 1.80 -29.95
CA VAL A 192 27.95 0.88 -30.68
C VAL A 192 26.75 1.55 -31.40
N ALA A 193 26.40 2.78 -31.03
CA ALA A 193 25.23 3.48 -31.63
C ALA A 193 25.59 4.42 -32.81
N GLY A 194 26.84 4.88 -32.86
CA GLY A 194 27.24 6.05 -33.66
C GLY A 194 27.73 7.17 -32.75
N GLU A 195 29.02 7.53 -32.85
CA GLU A 195 29.63 8.50 -31.93
C GLU A 195 29.06 9.93 -32.11
N PRO A 196 29.21 10.81 -31.08
CA PRO A 196 29.77 10.61 -29.74
C PRO A 196 28.70 10.30 -28.69
N ALA A 199 21.82 11.58 -23.98
CA ALA A 199 21.47 11.43 -25.40
C ALA A 199 20.07 10.83 -25.56
N SER A 200 19.67 10.59 -26.80
CA SER A 200 18.42 9.87 -27.05
C SER A 200 18.46 8.52 -26.33
N CYS A 201 19.18 7.56 -26.90
CA CYS A 201 19.24 6.20 -26.36
C CYS A 201 19.62 6.22 -24.89
N LEU A 202 20.71 6.91 -24.57
CA LEU A 202 21.15 7.08 -23.17
C LEU A 202 20.09 7.77 -22.31
N SER A 203 19.56 8.91 -22.76
CA SER A 203 18.53 9.60 -22.02
C SER A 203 17.29 8.70 -21.96
N ARG A 204 17.17 7.73 -22.88
CA ARG A 204 16.08 6.73 -22.83
C ARG A 204 16.39 5.57 -21.90
N LEU A 205 17.62 5.10 -21.92
CA LEU A 205 18.14 4.22 -20.88
C LEU A 205 18.01 4.76 -19.45
N LEU A 206 18.54 5.94 -19.19
CA LEU A 206 18.47 6.51 -17.86
C LEU A 206 17.03 6.76 -17.43
N GLY A 207 16.13 6.89 -18.41
CA GLY A 207 14.67 7.06 -18.17
C GLY A 207 14.06 5.93 -17.37
N LYS A 208 14.71 4.78 -17.40
CA LYS A 208 14.16 3.60 -16.82
C LYS A 208 14.41 3.57 -15.33
N LEU A 209 15.41 4.29 -14.85
CA LEU A 209 15.73 4.32 -13.43
C LEU A 209 14.59 4.92 -12.56
N PRO A 210 14.05 6.12 -12.93
CA PRO A 210 12.88 6.60 -12.20
C PRO A 210 11.69 5.68 -12.25
N GLU A 211 11.47 5.00 -13.36
CA GLU A 211 10.35 4.03 -13.42
C GLU A 211 10.59 2.93 -12.36
N LEU A 212 11.86 2.59 -12.19
CA LEU A 212 12.27 1.49 -11.37
C LEU A 212 12.08 1.80 -9.92
N ARG A 213 12.33 3.04 -9.54
CA ARG A 213 11.92 3.50 -8.23
C ARG A 213 10.41 3.29 -7.96
N THR A 214 9.57 3.77 -8.87
CA THR A 214 8.12 3.57 -8.71
C THR A 214 7.74 2.10 -8.51
N LEU A 215 8.43 1.21 -9.22
CA LEU A 215 8.17 -0.22 -9.04
C LEU A 215 8.64 -0.68 -7.66
N CYS A 216 9.77 -0.16 -7.17
CA CYS A 216 10.22 -0.44 -5.78
C CYS A 216 9.08 -0.06 -4.82
N THR A 217 8.44 1.06 -5.09
CA THR A 217 7.39 1.52 -4.20
C THR A 217 6.27 0.52 -4.16
N GLN A 218 5.83 0.06 -5.32
CA GLN A 218 4.82 -1.01 -5.39
C GLN A 218 5.18 -2.31 -4.64
N GLY A 219 6.48 -2.61 -4.62
CA GLY A 219 6.99 -3.70 -3.83
C GLY A 219 6.83 -3.46 -2.35
N LEU A 220 7.11 -2.26 -1.90
CA LEU A 220 6.97 -1.99 -0.47
C LEU A 220 5.52 -2.12 -0.08
N GLN A 221 4.66 -1.66 -0.98
CA GLN A 221 3.23 -1.68 -0.71
C GLN A 221 2.72 -3.07 -0.62
N ARG A 222 3.32 -3.94 -1.42
CA ARG A 222 2.93 -5.30 -1.39
C ARG A 222 3.41 -5.94 -0.11
N ILE A 223 4.66 -5.67 0.26
CA ILE A 223 5.20 -6.25 1.51
C ILE A 223 4.38 -5.72 2.67
N PHE A 224 4.08 -4.42 2.65
CA PHE A 224 3.20 -3.85 3.69
C PHE A 224 1.97 -4.69 3.82
N TYR A 225 1.23 -4.83 2.71
CA TYR A 225 -0.04 -5.50 2.70
C TYR A 225 0.07 -6.94 3.26
N LEU A 226 1.12 -7.65 2.89
CA LEU A 226 1.32 -9.03 3.32
C LEU A 226 1.67 -9.06 4.80
N LYS A 227 2.45 -8.09 5.25
CA LYS A 227 2.78 -7.99 6.66
C LYS A 227 1.51 -7.74 7.44
N LEU A 228 0.62 -6.95 6.84
CA LEU A 228 -0.68 -6.67 7.43
C LEU A 228 -1.44 -7.94 7.55
N GLU A 229 -1.49 -8.68 6.46
CA GLU A 229 -2.25 -9.94 6.42
C GLU A 229 -1.64 -10.93 7.39
N ASP A 230 -0.32 -11.07 7.34
CA ASP A 230 0.39 -11.80 8.36
C ASP A 230 0.10 -13.29 8.32
N LEU A 231 -0.22 -13.81 7.14
CA LEU A 231 -0.16 -15.25 6.93
C LEU A 231 1.21 -15.70 7.36
N VAL A 232 2.24 -15.48 6.54
CA VAL A 232 3.58 -15.86 6.95
C VAL A 232 4.41 -14.59 7.10
N PRO A 233 5.24 -14.59 8.14
CA PRO A 233 6.09 -13.47 8.37
C PRO A 233 7.21 -13.41 7.35
N PRO A 234 7.68 -12.23 7.04
CA PRO A 234 8.81 -12.21 6.15
C PRO A 234 10.10 -12.79 6.73
N PRO A 235 11.02 -13.27 5.87
CA PRO A 235 12.37 -13.53 6.33
C PRO A 235 12.95 -12.29 6.95
N PRO A 236 13.68 -12.44 8.06
CA PRO A 236 14.18 -11.27 8.83
C PRO A 236 14.94 -10.23 8.01
N ILE A 237 15.79 -10.69 7.10
CA ILE A 237 16.62 -9.78 6.30
C ILE A 237 15.76 -8.97 5.33
N ILE A 238 14.75 -9.61 4.72
CA ILE A 238 13.81 -8.88 3.88
C ILE A 238 13.04 -7.90 4.75
N ASP A 239 12.59 -8.40 5.90
CA ASP A 239 11.86 -7.56 6.86
C ASP A 239 12.68 -6.38 7.26
N LYS A 240 14.00 -6.56 7.38
CA LYS A 240 14.84 -5.47 7.87
C LYS A 240 14.93 -4.42 6.81
N ILE A 241 15.01 -4.88 5.56
CA ILE A 241 15.15 -3.99 4.41
C ILE A 241 13.88 -3.20 4.27
N PHE A 242 12.75 -3.87 4.42
CA PHE A 242 11.45 -3.18 4.40
C PHE A 242 11.47 -2.08 5.42
N MET A 243 11.88 -2.42 6.63
CA MET A 243 11.80 -1.46 7.73
C MET A 243 12.82 -0.35 7.65
N ASP A 244 14.04 -0.69 7.27
CA ASP A 244 15.11 0.30 7.21
C ASP A 244 14.87 1.27 6.09
N THR A 245 14.22 0.79 5.04
CA THR A 245 13.95 1.65 3.88
C THR A 245 12.59 2.34 3.95
N LEU A 246 11.87 2.20 5.06
CA LEU A 246 10.77 3.08 5.34
C LEU A 246 11.34 4.24 6.10
N PRO A 247 11.15 5.47 5.57
CA PRO A 247 11.56 6.64 6.33
C PRO A 247 10.60 7.00 7.48
N PHE A 248 10.39 6.08 8.44
CA PHE A 248 9.59 6.36 9.67
C PHE A 248 9.53 5.17 10.66
N ALA B 12 -36.87 3.60 23.99
CA ALA B 12 -35.91 3.79 25.12
C ALA B 12 -35.42 5.24 25.17
N ASN B 13 -34.96 5.65 26.35
CA ASN B 13 -34.27 6.90 26.45
C ASN B 13 -32.86 6.72 25.89
N LEU B 14 -32.28 5.56 26.12
CA LEU B 14 -31.00 5.23 25.50
C LEU B 14 -31.09 5.41 23.99
N LEU B 15 -31.92 4.60 23.35
CA LEU B 15 -32.05 4.65 21.92
C LEU B 15 -32.16 6.10 21.49
N THR B 16 -33.03 6.81 22.16
CA THR B 16 -33.24 8.20 21.87
C THR B 16 -31.95 8.98 21.99
N SER B 17 -31.10 8.64 22.95
CA SER B 17 -29.85 9.42 23.11
C SER B 17 -28.88 9.09 22.03
N LEU B 18 -28.96 7.85 21.55
CA LEU B 18 -28.11 7.40 20.47
C LEU B 18 -28.48 8.09 19.19
N VAL B 19 -29.79 8.21 18.95
CA VAL B 19 -30.28 8.82 17.73
C VAL B 19 -29.96 10.29 17.74
N ARG B 20 -30.05 10.88 18.93
CA ARG B 20 -29.83 12.30 19.05
C ARG B 20 -28.35 12.55 18.81
N ALA B 21 -27.51 11.71 19.38
CA ALA B 21 -26.06 11.86 19.16
C ALA B 21 -25.73 11.75 17.67
N HIS B 22 -26.24 10.68 17.05
CA HIS B 22 -26.04 10.40 15.62
C HIS B 22 -26.44 11.57 14.75
N LEU B 23 -27.70 11.96 14.83
CA LEU B 23 -28.16 13.03 13.97
C LEU B 23 -27.36 14.34 14.10
N ASP B 24 -26.96 14.68 15.32
CA ASP B 24 -26.20 15.88 15.56
C ASP B 24 -24.79 15.80 15.04
N SER B 25 -24.32 14.59 14.72
CA SER B 25 -22.90 14.39 14.34
C SER B 25 -22.71 14.45 12.84
N GLY B 26 -23.79 14.60 12.11
CA GLY B 26 -23.71 14.70 10.69
C GLY B 26 -24.45 15.94 10.32
N PRO B 27 -24.59 16.16 9.03
CA PRO B 27 -25.24 17.37 8.63
C PRO B 27 -26.61 17.03 8.15
N SER B 28 -27.42 18.06 7.98
CA SER B 28 -28.74 17.95 7.39
C SER B 28 -28.72 18.59 6.01
N THR B 29 -29.65 18.20 5.18
CA THR B 29 -29.85 18.79 3.88
C THR B 29 -29.56 20.28 3.78
N ALA B 30 -30.01 21.03 4.77
CA ALA B 30 -29.61 22.43 4.88
C ALA B 30 -28.09 22.49 5.02
N LYS B 31 -27.55 22.31 6.22
CA LYS B 31 -26.07 22.30 6.44
C LYS B 31 -25.16 21.72 5.29
N LEU B 32 -25.72 21.30 4.13
CA LEU B 32 -24.97 20.60 3.05
C LEU B 32 -24.25 21.55 2.13
N ASP B 33 -22.96 21.28 1.92
CA ASP B 33 -22.02 22.26 1.38
C ASP B 33 -21.56 21.92 -0.02
N TYR B 34 -22.16 22.61 -1.01
CA TYR B 34 -21.81 22.38 -2.41
C TYR B 34 -20.81 23.37 -2.93
N SER B 35 -20.21 24.11 -1.99
CA SER B 35 -19.22 25.13 -2.23
C SER B 35 -18.00 24.64 -3.02
N LYS B 36 -17.63 23.37 -2.88
CA LYS B 36 -16.41 22.88 -3.55
C LYS B 36 -16.73 21.81 -4.56
N PHE B 37 -18.02 21.49 -4.67
CA PHE B 37 -18.48 20.36 -5.49
C PHE B 37 -18.39 20.70 -6.94
N GLN B 38 -17.82 19.78 -7.72
CA GLN B 38 -17.87 19.87 -9.16
C GLN B 38 -18.17 18.52 -9.75
N GLU B 39 -19.14 18.51 -10.65
CA GLU B 39 -19.73 17.26 -11.17
C GLU B 39 -18.89 16.59 -12.19
N LEU B 40 -17.88 17.31 -12.65
CA LEU B 40 -16.88 16.74 -13.53
C LEU B 40 -15.58 17.45 -13.26
N VAL B 41 -14.54 16.69 -13.08
CA VAL B 41 -13.26 17.28 -12.95
C VAL B 41 -12.53 16.31 -13.83
N LEU B 42 -11.47 16.76 -14.47
CA LEU B 42 -10.69 15.89 -15.31
C LEU B 42 -9.41 15.69 -14.56
N PRO B 43 -9.34 14.64 -13.71
CA PRO B 43 -8.10 14.53 -12.98
C PRO B 43 -7.12 13.64 -13.72
N HIS B 44 -5.96 13.51 -13.10
CA HIS B 44 -4.90 12.72 -13.63
C HIS B 44 -4.69 11.56 -12.67
N PHE B 45 -5.12 10.39 -13.11
CA PHE B 45 -5.30 9.20 -12.26
C PHE B 45 -3.98 8.60 -11.83
N GLY B 46 -3.92 8.15 -10.58
CA GLY B 46 -2.77 7.42 -10.05
C GLY B 46 -1.61 8.32 -9.67
N LYS B 47 -1.87 9.62 -9.63
CA LYS B 47 -0.92 10.60 -9.16
C LYS B 47 -1.68 11.51 -8.23
N GLU B 48 -0.99 12.46 -7.61
CA GLU B 48 -1.66 13.36 -6.67
C GLU B 48 -0.76 14.48 -6.21
N ASP B 49 -1.29 15.69 -6.05
CA ASP B 49 -0.50 16.79 -5.48
C ASP B 49 -0.75 17.06 -3.99
N ALA B 50 -0.10 18.07 -3.44
CA ALA B 50 -0.10 18.26 -2.00
C ALA B 50 -1.43 18.76 -1.50
N GLY B 51 -2.21 19.35 -2.39
CA GLY B 51 -3.50 19.85 -2.00
C GLY B 51 -4.42 18.69 -1.81
N ASP B 52 -4.27 17.69 -2.67
CA ASP B 52 -5.15 16.55 -2.67
C ASP B 52 -4.86 15.79 -1.44
N VAL B 53 -3.58 15.64 -1.16
CA VAL B 53 -3.18 14.89 0.01
C VAL B 53 -3.60 15.59 1.31
N GLN B 54 -3.49 16.92 1.37
CA GLN B 54 -3.88 17.64 2.56
C GLN B 54 -5.39 17.52 2.82
N GLN B 55 -6.18 17.71 1.76
CA GLN B 55 -7.62 17.60 1.86
C GLN B 55 -8.01 16.22 2.34
N PHE B 56 -7.40 15.18 1.82
CA PHE B 56 -7.66 13.80 2.33
C PHE B 56 -7.35 13.69 3.84
N TYR B 57 -6.20 14.16 4.27
CA TYR B 57 -5.87 14.15 5.66
C TYR B 57 -6.84 15.02 6.44
N ASP B 58 -7.18 16.20 5.91
CA ASP B 58 -8.08 17.08 6.64
C ASP B 58 -9.44 16.45 6.81
N LEU B 59 -9.91 15.69 5.82
CA LEU B 59 -11.22 15.00 5.89
C LEU B 59 -11.26 13.89 6.93
N LEU B 60 -10.17 13.17 7.05
CA LEU B 60 -9.97 12.22 8.09
C LEU B 60 -9.93 12.89 9.48
N SER B 61 -9.14 13.94 9.59
CA SER B 61 -9.03 14.66 10.86
C SER B 61 -10.36 15.17 11.39
N GLY B 62 -11.12 15.79 10.50
CA GLY B 62 -12.37 16.43 10.88
C GLY B 62 -13.39 15.38 11.20
N SER B 63 -13.25 14.22 10.56
CA SER B 63 -14.13 13.16 10.86
C SER B 63 -13.81 12.61 12.26
N LEU B 64 -12.54 12.46 12.60
CA LEU B 64 -12.21 12.06 13.99
C LEU B 64 -12.71 13.05 15.02
N GLU B 65 -12.70 14.33 14.71
CA GLU B 65 -13.17 15.35 15.66
C GLU B 65 -14.66 15.23 15.90
N VAL B 66 -15.40 14.97 14.82
CA VAL B 66 -16.85 14.80 14.85
C VAL B 66 -17.22 13.50 15.52
N ILE B 67 -16.43 12.47 15.24
CA ILE B 67 -16.72 11.16 15.78
C ILE B 67 -16.47 11.23 17.28
N ARG B 68 -15.45 11.98 17.68
CA ARG B 68 -15.16 12.16 19.10
C ARG B 68 -16.32 12.85 19.84
N LYS B 69 -16.93 13.84 19.23
CA LYS B 69 -18.03 14.54 19.90
C LYS B 69 -19.24 13.68 19.93
N TRP B 70 -19.39 12.88 18.91
CA TRP B 70 -20.51 11.91 18.85
C TRP B 70 -20.35 10.86 19.95
N ALA B 71 -19.16 10.32 20.09
CA ALA B 71 -18.94 9.34 21.13
C ALA B 71 -19.20 9.92 22.53
N GLU B 72 -18.83 11.18 22.74
CA GLU B 72 -19.00 11.83 24.06
C GLU B 72 -20.45 11.94 24.49
N LYS B 73 -21.38 11.76 23.56
CA LYS B 73 -22.81 11.84 23.85
C LYS B 73 -23.47 10.47 23.93
N ILE B 74 -22.66 9.42 23.85
CA ILE B 74 -23.19 8.10 24.05
C ILE B 74 -23.17 7.90 25.57
N PRO B 75 -24.36 7.62 26.17
CA PRO B 75 -24.41 7.54 27.63
C PRO B 75 -23.53 6.43 28.14
N GLY B 76 -22.65 6.78 29.06
CA GLY B 76 -21.67 5.86 29.61
C GLY B 76 -20.30 6.08 29.05
N PHE B 77 -20.23 6.59 27.84
CA PHE B 77 -18.93 6.56 27.18
C PHE B 77 -17.97 7.53 27.87
N ALA B 78 -18.48 8.68 28.27
CA ALA B 78 -17.60 9.76 28.75
C ALA B 78 -17.04 9.44 30.13
N GLU B 79 -17.62 8.47 30.81
CA GLU B 79 -17.12 8.09 32.12
C GLU B 79 -16.13 6.94 32.08
N LEU B 80 -15.93 6.38 30.90
CA LEU B 80 -14.87 5.39 30.79
C LEU B 80 -13.52 6.10 31.07
N SER B 81 -12.48 5.33 31.31
CA SER B 81 -11.20 5.96 31.49
C SER B 81 -10.80 6.70 30.21
N PRO B 82 -10.06 7.81 30.34
CA PRO B 82 -9.54 8.54 29.17
C PRO B 82 -8.78 7.65 28.25
N ALA B 83 -7.94 6.81 28.83
CA ALA B 83 -7.14 5.94 28.02
C ALA B 83 -8.05 5.09 27.16
N ASP B 84 -9.11 4.60 27.78
CA ASP B 84 -9.97 3.65 27.11
C ASP B 84 -10.83 4.37 26.11
N GLN B 85 -11.19 5.59 26.44
CA GLN B 85 -11.91 6.38 25.48
C GLN B 85 -11.08 6.51 24.20
N ASP B 86 -9.82 6.82 24.38
CA ASP B 86 -8.97 7.09 23.25
C ASP B 86 -8.81 5.84 22.46
N LEU B 87 -8.67 4.74 23.20
CA LEU B 87 -8.37 3.49 22.59
C LEU B 87 -9.54 3.04 21.72
N LEU B 88 -10.75 3.17 22.25
CA LEU B 88 -11.90 2.77 21.48
C LEU B 88 -12.07 3.60 20.22
N LEU B 89 -11.88 4.93 20.35
CA LEU B 89 -12.04 5.86 19.24
C LEU B 89 -11.03 5.61 18.17
N GLU B 90 -9.79 5.55 18.58
CA GLU B 90 -8.69 5.28 17.69
C GLU B 90 -8.81 3.90 17.03
N SER B 91 -9.28 2.90 17.74
CA SER B 91 -9.42 1.59 17.17
C SER B 91 -10.61 1.48 16.23
N ALA B 92 -11.61 2.33 16.39
CA ALA B 92 -12.78 2.22 15.53
C ALA B 92 -12.81 3.31 14.47
N PHE B 93 -11.96 4.33 14.59
CA PHE B 93 -12.03 5.44 13.71
C PHE B 93 -12.28 5.14 12.22
N LEU B 94 -11.38 4.38 11.63
CA LEU B 94 -11.42 4.10 10.18
C LEU B 94 -12.71 3.39 9.84
N GLU B 95 -13.01 2.36 10.61
CA GLU B 95 -14.24 1.63 10.45
C GLU B 95 -15.46 2.53 10.58
N LEU B 96 -15.45 3.42 11.56
CA LEU B 96 -16.57 4.38 11.71
C LEU B 96 -16.56 5.43 10.58
N PHE B 97 -15.39 5.84 10.15
CA PHE B 97 -15.34 6.84 9.11
C PHE B 97 -16.02 6.32 7.88
N ILE B 98 -15.70 5.09 7.52
CA ILE B 98 -16.16 4.50 6.31
C ILE B 98 -17.63 4.21 6.42
N LEU B 99 -18.05 3.70 7.56
CA LEU B 99 -19.44 3.33 7.72
C LEU B 99 -20.35 4.52 7.67
N ARG B 100 -20.02 5.56 8.39
CA ARG B 100 -20.77 6.81 8.36
C ARG B 100 -20.76 7.44 6.95
N LEU B 101 -19.60 7.42 6.30
CA LEU B 101 -19.49 7.93 4.92
C LEU B 101 -20.36 7.20 3.95
N ALA B 102 -20.28 5.90 4.00
CA ALA B 102 -21.06 5.07 3.13
C ALA B 102 -22.55 5.29 3.37
N TYR B 103 -22.94 5.43 4.63
CA TYR B 103 -24.36 5.52 4.97
C TYR B 103 -24.86 6.88 4.52
N ARG B 104 -24.06 7.92 4.62
CA ARG B 104 -24.61 9.24 4.28
C ARG B 104 -24.41 9.65 2.84
N SER B 105 -23.47 9.03 2.13
CA SER B 105 -23.22 9.33 0.72
C SER B 105 -24.31 8.84 -0.25
N LYS B 106 -24.19 9.24 -1.53
CA LYS B 106 -25.21 8.99 -2.56
C LYS B 106 -24.51 8.41 -3.74
N PRO B 107 -24.32 7.10 -3.71
CA PRO B 107 -23.58 6.46 -4.72
C PRO B 107 -24.25 6.48 -6.11
N GLY B 108 -25.57 6.52 -6.19
CA GLY B 108 -26.28 6.67 -7.48
C GLY B 108 -26.04 7.98 -8.22
N GLU B 109 -25.46 8.96 -7.53
CA GLU B 109 -24.96 10.18 -8.19
C GLU B 109 -23.43 10.39 -8.13
N GLY B 110 -22.69 9.47 -7.53
CA GLY B 110 -21.24 9.65 -7.38
C GLY B 110 -20.89 10.64 -6.27
N LYS B 111 -21.86 10.88 -5.39
CA LYS B 111 -21.69 11.89 -4.33
C LYS B 111 -21.21 11.32 -3.00
N LEU B 112 -20.02 11.76 -2.61
CA LEU B 112 -19.48 11.54 -1.25
C LEU B 112 -19.93 12.68 -0.39
N ILE B 113 -20.56 12.38 0.73
CA ILE B 113 -20.98 13.42 1.63
C ILE B 113 -20.24 13.23 2.95
N PHE B 114 -19.38 14.18 3.33
CA PHE B 114 -18.62 14.03 4.57
C PHE B 114 -19.32 14.68 5.73
N CYS B 115 -18.83 14.45 6.94
CA CYS B 115 -19.60 14.81 8.15
C CYS B 115 -19.74 16.32 8.31
N SER B 116 -18.77 17.08 7.84
CA SER B 116 -18.92 18.54 7.80
C SER B 116 -19.98 19.05 6.86
N GLY B 117 -20.55 18.21 6.00
CA GLY B 117 -21.59 18.64 5.03
C GLY B 117 -20.94 18.77 3.67
N LEU B 118 -19.60 18.81 3.67
CA LEU B 118 -18.87 18.89 2.40
C LEU B 118 -19.30 17.76 1.47
N VAL B 119 -19.77 18.14 0.30
CA VAL B 119 -20.11 17.19 -0.74
C VAL B 119 -19.05 17.28 -1.81
N LEU B 120 -18.61 16.12 -2.27
CA LEU B 120 -17.56 16.03 -3.25
C LEU B 120 -17.89 14.88 -4.22
N HIS B 121 -17.41 14.98 -5.44
CA HIS B 121 -17.71 13.96 -6.44
C HIS B 121 -16.63 12.93 -6.44
N ARG B 122 -17.01 11.71 -6.80
CA ARG B 122 -16.03 10.61 -6.76
C ARG B 122 -14.68 10.90 -7.48
N LEU B 123 -14.77 11.62 -8.57
CA LEU B 123 -13.61 12.05 -9.34
C LEU B 123 -12.82 13.09 -8.65
N GLN B 124 -13.38 13.84 -7.75
CA GLN B 124 -12.61 14.84 -7.06
C GLN B 124 -11.91 14.18 -5.90
N CYS B 125 -12.39 12.99 -5.52
CA CYS B 125 -11.79 12.27 -4.42
C CYS B 125 -10.78 11.29 -4.97
N ALA B 126 -10.90 10.90 -6.22
CA ALA B 126 -9.90 10.01 -6.85
C ALA B 126 -8.43 10.31 -6.52
N ARG B 127 -8.01 11.54 -6.67
CA ARG B 127 -6.61 11.90 -6.42
C ARG B 127 -6.13 11.60 -4.99
N GLY B 128 -6.72 12.21 -3.97
CA GLY B 128 -6.35 11.90 -2.58
C GLY B 128 -6.56 10.46 -2.15
N PHE B 129 -7.69 9.89 -2.47
CA PHE B 129 -8.09 8.63 -1.88
C PHE B 129 -7.69 7.43 -2.67
N GLY B 130 -7.42 7.63 -3.95
CA GLY B 130 -7.23 6.52 -4.90
C GLY B 130 -8.44 5.63 -5.05
N ASP B 131 -8.23 4.38 -5.47
CA ASP B 131 -9.30 3.34 -5.56
C ASP B 131 -10.22 3.31 -4.37
N TRP B 132 -9.66 3.59 -3.20
CA TRP B 132 -10.35 3.38 -1.95
C TRP B 132 -11.71 4.05 -1.94
N ILE B 133 -11.80 5.23 -2.53
CA ILE B 133 -13.08 5.89 -2.61
C ILE B 133 -14.10 5.14 -3.50
N ASP B 134 -13.66 4.52 -4.57
CA ASP B 134 -14.61 3.77 -5.39
C ASP B 134 -15.12 2.60 -4.55
N SER B 135 -14.20 1.95 -3.83
CA SER B 135 -14.55 0.80 -3.02
C SER B 135 -15.55 1.20 -1.93
N ILE B 136 -15.39 2.37 -1.37
CA ILE B 136 -16.36 2.79 -0.38
C ILE B 136 -17.76 2.96 -1.01
N LEU B 137 -17.82 3.47 -2.23
CA LEU B 137 -19.12 3.69 -2.84
C LEU B 137 -19.80 2.41 -3.12
N ALA B 138 -19.06 1.44 -3.53
CA ALA B 138 -19.64 0.13 -3.71
C ALA B 138 -20.26 -0.37 -2.40
N PHE B 139 -19.52 -0.21 -1.30
CA PHE B 139 -20.01 -0.54 0.01
C PHE B 139 -21.24 0.26 0.40
N SER B 140 -21.26 1.54 0.02
CA SER B 140 -22.39 2.40 0.27
C SER B 140 -23.59 1.83 -0.37
N ARG B 141 -23.48 1.51 -1.67
CA ARG B 141 -24.64 0.92 -2.40
C ARG B 141 -25.12 -0.35 -1.73
N SER B 142 -24.16 -1.18 -1.37
CA SER B 142 -24.51 -2.42 -0.70
C SER B 142 -25.14 -2.23 0.72
N LEU B 143 -24.68 -1.24 1.45
CA LEU B 143 -25.24 -0.93 2.76
C LEU B 143 -26.65 -0.37 2.58
N HIS B 144 -26.86 0.43 1.54
CA HIS B 144 -28.19 0.99 1.27
C HIS B 144 -29.21 -0.09 0.89
N SER B 145 -28.80 -1.14 0.23
CA SER B 145 -29.78 -2.16 -0.18
C SER B 145 -30.35 -2.93 1.04
N LEU B 146 -29.64 -2.90 2.15
CA LEU B 146 -30.15 -3.42 3.41
C LEU B 146 -31.21 -2.58 4.12
N LEU B 147 -31.29 -1.30 3.79
CA LEU B 147 -32.33 -0.45 4.32
C LEU B 147 -32.30 -0.43 5.83
N VAL B 148 -31.20 0.05 6.37
CA VAL B 148 -31.04 0.17 7.81
C VAL B 148 -31.58 1.52 8.24
N ASP B 149 -32.63 1.51 9.05
CA ASP B 149 -33.22 2.77 9.51
C ASP B 149 -32.26 3.49 10.51
N VAL B 150 -32.55 4.75 10.81
CA VAL B 150 -31.66 5.51 11.66
C VAL B 150 -31.46 4.98 13.09
N PRO B 151 -32.53 4.56 13.75
CA PRO B 151 -32.16 4.07 15.09
C PRO B 151 -31.32 2.76 15.04
N ALA B 152 -31.63 1.86 14.10
CA ALA B 152 -30.85 0.65 13.99
C ALA B 152 -29.41 1.02 13.73
N PHE B 153 -29.22 2.04 12.90
CA PHE B 153 -27.88 2.44 12.53
C PHE B 153 -27.21 3.16 13.69
N ALA B 154 -27.99 3.95 14.41
CA ALA B 154 -27.45 4.73 15.51
C ALA B 154 -26.85 3.77 16.52
N CYS B 155 -27.48 2.59 16.62
CA CYS B 155 -27.01 1.57 17.57
C CYS B 155 -25.80 0.83 17.04
N LEU B 156 -25.93 0.38 15.80
CA LEU B 156 -24.84 -0.34 15.15
C LEU B 156 -23.56 0.42 15.25
N SER B 157 -23.59 1.71 14.92
CA SER B 157 -22.37 2.49 14.91
C SER B 157 -21.80 2.52 16.28
N ALA B 158 -22.60 2.73 17.31
CA ALA B 158 -22.08 2.74 18.66
C ALA B 158 -21.46 1.43 19.05
N LEU B 159 -22.02 0.32 18.55
CA LEU B 159 -21.47 -0.97 18.85
C LEU B 159 -20.12 -1.29 18.18
N VAL B 160 -19.86 -0.61 17.09
CA VAL B 160 -18.57 -0.66 16.46
C VAL B 160 -17.54 0.03 17.38
N LEU B 161 -17.96 1.06 18.09
CA LEU B 161 -17.03 1.83 18.91
C LEU B 161 -16.84 1.10 20.24
N ILE B 162 -17.96 0.77 20.87
CA ILE B 162 -17.98 0.19 22.18
C ILE B 162 -17.88 -1.37 22.06
N THR B 163 -16.66 -1.86 22.10
CA THR B 163 -16.41 -3.24 21.79
C THR B 163 -15.09 -3.63 22.41
N ASP B 164 -14.83 -4.92 22.55
CA ASP B 164 -13.55 -5.32 23.10
C ASP B 164 -12.39 -4.79 22.25
N ARG B 165 -11.41 -4.15 22.85
CA ARG B 165 -10.13 -3.99 22.22
C ARG B 165 -9.08 -4.39 23.22
N HIS B 166 -7.99 -4.91 22.69
CA HIS B 166 -6.82 -5.19 23.44
C HIS B 166 -6.28 -3.92 24.02
N GLY B 167 -5.90 -4.00 25.29
CA GLY B 167 -5.32 -2.87 26.01
C GLY B 167 -6.29 -2.04 26.83
N LEU B 168 -7.61 -2.29 26.73
CA LEU B 168 -8.54 -1.63 27.60
C LEU B 168 -8.17 -1.91 29.04
N GLN B 169 -8.32 -0.89 29.86
CA GLN B 169 -8.13 -1.04 31.27
C GLN B 169 -9.35 -1.68 31.93
N GLU B 170 -10.56 -1.31 31.51
CA GLU B 170 -11.77 -1.80 32.14
C GLU B 170 -12.70 -2.44 31.08
N PRO B 171 -12.26 -3.57 30.49
CA PRO B 171 -13.07 -4.23 29.48
C PRO B 171 -14.43 -4.62 30.00
N ARG B 172 -14.58 -4.85 31.29
CA ARG B 172 -15.87 -5.27 31.74
C ARG B 172 -16.87 -4.13 31.64
N ARG B 173 -16.44 -2.92 31.97
CA ARG B 173 -17.35 -1.77 31.85
C ARG B 173 -17.75 -1.60 30.40
N VAL B 174 -16.80 -1.85 29.51
CA VAL B 174 -17.05 -1.70 28.08
C VAL B 174 -18.06 -2.75 27.62
N GLU B 175 -17.87 -3.98 28.09
CA GLU B 175 -18.76 -5.08 27.79
C GLU B 175 -20.13 -4.80 28.35
N GLU B 176 -20.17 -4.19 29.51
CA GLU B 176 -21.47 -3.84 30.06
C GLU B 176 -22.21 -2.93 29.11
N LEU B 177 -21.51 -1.91 28.66
CA LEU B 177 -22.14 -0.86 27.93
C LEU B 177 -22.49 -1.44 26.60
N GLN B 178 -21.60 -2.26 26.06
CA GLN B 178 -21.90 -3.00 24.83
C GLN B 178 -23.21 -3.79 24.94
N ASN B 179 -23.39 -4.56 26.00
CA ASN B 179 -24.65 -5.28 26.20
C ASN B 179 -25.85 -4.34 26.24
N ARG B 180 -25.72 -3.27 27.02
CA ARG B 180 -26.78 -2.29 27.11
C ARG B 180 -27.23 -1.88 25.72
N ILE B 181 -26.27 -1.59 24.86
CA ILE B 181 -26.59 -1.05 23.54
C ILE B 181 -27.15 -2.14 22.62
N ALA B 182 -26.58 -3.33 22.74
CA ALA B 182 -27.13 -4.50 22.05
C ALA B 182 -28.65 -4.68 22.36
N SER B 183 -29.01 -4.66 23.63
CA SER B 183 -30.40 -4.81 24.04
C SER B 183 -31.25 -3.74 23.46
N CYS B 184 -30.81 -2.49 23.55
CA CYS B 184 -31.49 -1.35 22.92
C CYS B 184 -31.78 -1.61 21.43
N LEU B 185 -30.80 -2.16 20.73
CA LEU B 185 -30.95 -2.43 19.33
C LEU B 185 -31.99 -3.54 19.14
N LYS B 186 -31.76 -4.66 19.79
CA LYS B 186 -32.66 -5.82 19.74
C LYS B 186 -34.10 -5.39 19.91
N GLU B 187 -34.32 -4.53 20.89
CA GLU B 187 -35.64 -4.01 21.27
C GLU B 187 -36.25 -3.22 20.14
N HIS B 188 -35.43 -2.35 19.54
CA HIS B 188 -35.89 -1.53 18.40
C HIS B 188 -36.28 -2.37 17.18
N VAL B 189 -35.44 -3.35 16.84
CA VAL B 189 -35.73 -4.17 15.66
C VAL B 189 -36.91 -5.13 15.93
N ALA B 190 -37.30 -5.32 17.19
CA ALA B 190 -38.51 -6.08 17.54
C ALA B 190 -39.73 -5.17 17.47
N ALA B 191 -39.60 -3.98 18.03
CA ALA B 191 -40.68 -3.01 18.02
C ALA B 191 -41.15 -2.64 16.60
N VAL B 192 -40.25 -2.60 15.63
CA VAL B 192 -40.67 -2.17 14.30
C VAL B 192 -40.99 -3.38 13.40
N ALA B 193 -40.72 -4.56 13.89
CA ALA B 193 -41.10 -5.78 13.15
C ALA B 193 -42.59 -6.01 13.30
N GLY B 194 -43.12 -5.75 14.48
CA GLY B 194 -44.52 -6.09 14.74
C GLY B 194 -44.63 -7.62 14.73
N ALA B 199 -31.43 -10.84 14.76
CA ALA B 199 -31.14 -12.20 14.33
C ALA B 199 -31.08 -12.38 12.80
N SER B 200 -31.99 -11.72 12.05
CA SER B 200 -32.11 -11.85 10.57
C SER B 200 -31.43 -10.72 9.72
N CYS B 201 -32.08 -9.54 9.57
CA CYS B 201 -31.44 -8.33 8.97
C CYS B 201 -30.01 -8.24 9.50
N LEU B 202 -29.86 -8.55 10.80
CA LEU B 202 -28.56 -8.60 11.45
C LEU B 202 -27.63 -9.61 10.80
N SER B 203 -28.07 -10.85 10.63
CA SER B 203 -27.20 -11.80 9.97
C SER B 203 -26.87 -11.24 8.58
N ARG B 204 -27.82 -10.53 7.98
CA ARG B 204 -27.60 -9.96 6.66
C ARG B 204 -26.63 -8.77 6.69
N LEU B 205 -26.78 -7.91 7.70
CA LEU B 205 -25.77 -6.91 8.06
C LEU B 205 -24.37 -7.45 8.29
N LEU B 206 -24.26 -8.44 9.16
CA LEU B 206 -22.95 -9.04 9.44
C LEU B 206 -22.29 -9.63 8.17
N GLY B 207 -23.15 -9.98 7.19
CA GLY B 207 -22.71 -10.42 5.87
C GLY B 207 -21.74 -9.50 5.14
N LYS B 208 -21.82 -8.20 5.41
CA LYS B 208 -21.04 -7.19 4.70
C LYS B 208 -19.85 -6.71 5.51
N LEU B 209 -19.75 -7.17 6.76
CA LEU B 209 -18.58 -6.84 7.57
C LEU B 209 -17.22 -7.11 6.90
N PRO B 210 -17.07 -8.24 6.17
CA PRO B 210 -15.81 -8.46 5.42
C PRO B 210 -15.54 -7.39 4.38
N GLU B 211 -16.58 -6.86 3.76
CA GLU B 211 -16.39 -5.74 2.85
C GLU B 211 -15.75 -4.59 3.63
N LEU B 212 -16.25 -4.39 4.84
CA LEU B 212 -15.81 -3.31 5.71
C LEU B 212 -14.40 -3.52 6.24
N ARG B 213 -14.08 -4.76 6.65
CA ARG B 213 -12.76 -5.08 7.15
C ARG B 213 -11.77 -4.84 6.00
N THR B 214 -12.12 -5.33 4.83
CA THR B 214 -11.30 -5.05 3.67
C THR B 214 -11.11 -3.55 3.42
N LEU B 215 -12.14 -2.79 3.68
CA LEU B 215 -12.13 -1.38 3.34
C LEU B 215 -11.22 -0.63 4.27
N CYS B 216 -11.22 -1.02 5.55
CA CYS B 216 -10.25 -0.47 6.51
C CYS B 216 -8.86 -0.77 6.02
N THR B 217 -8.69 -1.97 5.55
CA THR B 217 -7.41 -2.37 5.11
C THR B 217 -6.95 -1.49 3.99
N GLN B 218 -7.82 -1.27 3.01
CA GLN B 218 -7.52 -0.36 1.90
C GLN B 218 -7.12 1.02 2.38
N GLY B 219 -7.74 1.46 3.48
CA GLY B 219 -7.39 2.72 4.08
C GLY B 219 -5.99 2.73 4.63
N LEU B 220 -5.60 1.66 5.30
CA LEU B 220 -4.25 1.62 5.86
C LEU B 220 -3.23 1.62 4.72
N GLN B 221 -3.57 0.95 3.64
CA GLN B 221 -2.67 0.85 2.52
C GLN B 221 -2.51 2.20 1.84
N ARG B 222 -3.57 2.98 1.86
CA ARG B 222 -3.55 4.24 1.22
C ARG B 222 -2.76 5.19 2.08
N ILE B 223 -2.93 5.12 3.40
CA ILE B 223 -2.12 5.96 4.29
C ILE B 223 -0.66 5.55 4.16
N PHE B 224 -0.39 4.25 4.15
CA PHE B 224 0.96 3.81 3.94
C PHE B 224 1.52 4.50 2.74
N TYR B 225 0.84 4.34 1.61
CA TYR B 225 1.34 4.83 0.34
C TYR B 225 1.60 6.33 0.39
N LEU B 226 0.72 7.06 1.02
CA LEU B 226 0.87 8.51 1.09
C LEU B 226 2.01 8.88 2.08
N LYS B 227 2.19 8.08 3.10
CA LYS B 227 3.29 8.31 4.02
C LYS B 227 4.58 8.11 3.27
N LEU B 228 4.56 7.14 2.38
CA LEU B 228 5.71 6.85 1.58
C LEU B 228 6.00 8.03 0.73
N GLU B 229 4.95 8.54 0.13
CA GLU B 229 5.05 9.66 -0.78
C GLU B 229 5.53 10.88 0.00
N ASP B 230 4.89 11.12 1.12
CA ASP B 230 5.36 12.11 2.01
C ASP B 230 5.29 13.53 1.45
N LEU B 231 4.38 13.76 0.53
CA LEU B 231 4.15 15.11 0.06
C LEU B 231 3.84 16.04 1.21
N VAL B 232 2.88 15.67 2.05
CA VAL B 232 2.63 16.38 3.30
C VAL B 232 2.55 15.35 4.45
N PRO B 233 3.03 15.77 5.63
CA PRO B 233 2.99 14.88 6.78
C PRO B 233 1.58 14.67 7.29
N PRO B 234 1.25 13.45 7.71
CA PRO B 234 -0.05 13.19 8.25
C PRO B 234 -0.27 13.95 9.55
N PRO B 235 -1.51 14.27 9.88
CA PRO B 235 -1.73 14.80 11.23
C PRO B 235 -1.34 13.79 12.25
N PRO B 236 -1.01 14.24 13.49
CA PRO B 236 -0.31 13.34 14.37
C PRO B 236 -1.19 12.22 14.87
N ILE B 237 -2.44 12.54 15.21
CA ILE B 237 -3.35 11.54 15.78
C ILE B 237 -3.69 10.53 14.71
N ILE B 238 -3.80 10.94 13.43
CA ILE B 238 -4.07 9.99 12.33
C ILE B 238 -2.88 9.12 12.23
N ASP B 239 -1.73 9.77 12.23
CA ASP B 239 -0.49 8.99 12.18
C ASP B 239 -0.37 7.95 13.31
N LYS B 240 -0.84 8.29 14.51
CA LYS B 240 -0.68 7.39 15.63
C LYS B 240 -1.56 6.19 15.41
N ILE B 241 -2.74 6.45 14.86
CA ILE B 241 -3.76 5.41 14.66
C ILE B 241 -3.22 4.44 13.63
N PHE B 242 -2.65 5.00 12.59
CA PHE B 242 -2.05 4.16 11.56
C PHE B 242 -1.05 3.23 12.22
N MET B 243 -0.16 3.80 13.04
CA MET B 243 0.98 3.04 13.58
C MET B 243 0.53 2.05 14.66
N ASP B 244 -0.40 2.48 15.51
CA ASP B 244 -0.85 1.61 16.61
C ASP B 244 -1.60 0.42 16.04
N THR B 245 -2.30 0.62 14.94
CA THR B 245 -3.03 -0.45 14.26
C THR B 245 -2.13 -1.54 13.70
N LEU B 246 -0.91 -1.17 13.34
CA LEU B 246 0.06 -2.15 12.79
C LEU B 246 0.59 -3.13 13.86
N PRO B 247 0.45 -4.46 13.62
CA PRO B 247 1.06 -5.43 14.54
C PRO B 247 2.59 -5.59 14.36
N PHE B 248 3.37 -4.51 14.50
CA PHE B 248 4.86 -4.58 14.45
C PHE B 248 5.56 -3.24 14.68
C1 GOL C . 22.87 -13.03 -16.21
O1 GOL C . 22.60 -13.40 -17.56
C2 GOL C . 21.56 -12.53 -15.60
O2 GOL C . 20.72 -13.68 -15.34
C3 GOL C . 21.78 -11.74 -14.32
O3 GOL C . 20.56 -11.13 -13.89
C1 GOL D . -18.86 -5.03 16.94
O1 GOL D . -19.21 -5.09 18.35
C2 GOL D . -20.11 -5.22 16.09
O2 GOL D . -20.08 -6.58 15.71
C3 GOL D . -20.15 -4.46 14.75
O3 GOL D . -21.47 -4.44 14.14
C1 GOL E . -23.97 11.30 10.75
O1 GOL E . -23.19 10.32 10.05
C2 GOL E . -25.19 11.61 9.87
O2 GOL E . -24.89 12.57 8.85
C3 GOL E . -26.39 12.13 10.66
O3 GOL E . -27.61 12.08 9.87
O28 ZHN F . -8.74 -0.58 15.33
C20 ZHN F . -7.81 -1.14 14.77
O27 ZHN F . -8.13 -2.01 13.64
C22 ZHN F . -8.17 -1.52 12.28
C23 ZHN F . -8.58 -0.05 12.11
C24 ZHN F . -7.67 1.00 12.76
C25 ZHN F . -8.25 2.42 12.76
C26 ZHN F . -9.67 2.50 13.28
C19 ZHN F . -6.36 -0.89 15.11
C4 ZHN F . -5.95 -0.19 16.38
C3 ZHN F . -5.63 1.18 16.35
C2 ZHN F . -5.20 1.83 17.52
O8 ZHN F . -4.91 3.16 17.49
C5 ZHN F . -5.74 -0.94 17.64
C6 ZHN F . -5.29 -0.21 18.84
O7 ZHN F . -5.14 -0.89 20.01
C1 ZHN F . -5.03 1.14 18.73
C9 ZHN F . -6.04 -2.38 17.82
O18 ZHN F . -6.62 -2.68 18.84
C10 ZHN F . -5.73 -3.47 16.81
C11 ZHN F . -4.25 -3.90 16.88
C12 ZHN F . -4.02 -5.12 15.99
C13 ZHN F . -4.09 -4.78 14.50
C14 ZHN F . -4.89 -5.75 13.63
C15 ZHN F . -5.68 -5.08 12.48
C16 ZHN F . -5.09 -5.27 11.07
C17 ZHN F . -6.11 -5.13 9.94
#